data_5UVC
#
_entry.id   5UVC
#
_cell.length_a   113.157
_cell.length_b   113.157
_cell.length_c   95.427
_cell.angle_alpha   90.000
_cell.angle_beta   90.000
_cell.angle_gamma   90.000
#
_symmetry.space_group_name_H-M   'P 42 21 2'
#
loop_
_entity.id
_entity.type
_entity.pdbx_description
1 polymer 'Beta-adrenergic receptor kinase 1'
2 non-polymer N-benzyl-3-({[5-(pyridin-4-yl)-4H-1,2,4-triazol-3-yl]methyl}amino)benzamide
3 non-polymer 'SULFATE ION'
4 water water
#
_entity_poly.entity_id   1
_entity_poly.type   'polypeptide(L)'
_entity_poly.pdbx_seq_one_letter_code
;MSYYHHHHHHDYDIPTTENLYFQGAMEPGGSTPAARASKKILLPEPSIRSVMQKYLEDRGEVTFEKIFSQKLGYLLFRDF
CLNHLEEARPLVEFYEEIKKYEKLETEEERVARSREIFDSYIMKELLACSHPFSKSATEHVQGHLGKKQVPPDLFQPYIE
EICQNLRGDVFQKFIESDKFTRFCQWKNVELNIHLTMNDFSVHRIIGRGGFGEVYGCRKADTGKMYAMKCLDKKRIKMKQ
GETLALNERIMLSLVSTGDCPFIVCMSYAFHTPDKLSFILDLMNGGDLHYHLSQHGVFSEADMRFYAAEIILGLEHMHNR
FVVYRDLKPANILLDEHGHVRISDLGLACDFSKKKPHASVGTHGYMAPEVLQKGVAYDSSADWFSLGCMLFKLLRGHSPF
RQHKTKDKHEIDRMTLTMAVELPDSFSPELRSLLEGLLQRDVNRRLGCLGRGAQEVKESPFFRSLDWQMVFLQKYPPPLI
PPRGEVNAADAFDIGSFDEEDTKGIKLLDSDQELYRNFPLTISERWQQEVAETVFDTINAETDRLEA
;
_entity_poly.pdbx_strand_id   A
#
loop_
_chem_comp.id
_chem_comp.type
_chem_comp.name
_chem_comp.formula
8PV non-polymer N-benzyl-3-({[5-(pyridin-4-yl)-4H-1,2,4-triazol-3-yl]methyl}amino)benzamide 'C22 H20 N6 O'
SO4 non-polymer 'SULFATE ION' 'O4 S -2'
#
# COMPACT_ATOMS: atom_id res chain seq x y z
N LYS A 39 -14.45 -8.45 22.93
CA LYS A 39 -14.55 -9.26 21.67
C LYS A 39 -13.15 -9.60 21.12
N LYS A 40 -12.25 -10.02 22.00
CA LYS A 40 -10.84 -10.21 21.64
C LYS A 40 -10.57 -11.59 21.00
N ILE A 41 -9.32 -11.81 20.58
CA ILE A 41 -8.93 -13.05 19.89
C ILE A 41 -8.68 -14.19 20.88
N LEU A 42 -9.15 -15.37 20.50
CA LEU A 42 -8.94 -16.60 21.25
C LEU A 42 -8.31 -17.61 20.30
N LEU A 43 -7.09 -18.05 20.59
CA LEU A 43 -6.44 -19.06 19.77
C LEU A 43 -7.08 -20.42 20.03
N PRO A 44 -7.26 -21.24 18.99
CA PRO A 44 -7.72 -22.60 19.22
C PRO A 44 -6.70 -23.41 20.01
N GLU A 45 -7.16 -24.49 20.65
CA GLU A 45 -6.30 -25.30 21.50
C GLU A 45 -5.21 -26.02 20.65
N PRO A 46 -4.09 -26.44 21.29
CA PRO A 46 -2.96 -27.03 20.53
C PRO A 46 -3.30 -28.30 19.74
N SER A 47 -4.38 -28.99 20.13
CA SER A 47 -4.86 -30.20 19.45
C SER A 47 -5.12 -30.08 17.93
N ILE A 48 -5.33 -28.86 17.43
CA ILE A 48 -5.54 -28.68 15.97
C ILE A 48 -4.27 -28.86 15.13
N ARG A 49 -3.13 -29.07 15.77
CA ARG A 49 -1.83 -29.19 15.09
C ARG A 49 -1.81 -30.24 13.97
N SER A 50 -2.32 -31.42 14.25
CA SER A 50 -2.25 -32.54 13.31
C SER A 50 -2.98 -32.22 12.01
N VAL A 51 -4.22 -31.80 12.16
CA VAL A 51 -5.07 -31.47 11.01
C VAL A 51 -4.53 -30.25 10.26
N MET A 52 -4.02 -29.26 11.00
CA MET A 52 -3.47 -28.04 10.42
C MET A 52 -2.15 -28.27 9.70
N GLN A 53 -1.25 -29.00 10.32
CA GLN A 53 0.03 -29.35 9.69
C GLN A 53 -0.23 -30.11 8.39
N LYS A 54 -1.12 -31.10 8.44
CA LYS A 54 -1.51 -31.88 7.25
C LYS A 54 -2.18 -31.03 6.16
N TYR A 55 -3.05 -30.13 6.58
CA TYR A 55 -3.72 -29.22 5.65
C TYR A 55 -2.71 -28.43 4.82
N LEU A 56 -1.70 -27.87 5.49
CA LEU A 56 -0.70 -27.05 4.83
C LEU A 56 0.30 -27.89 4.02
N GLU A 57 0.70 -29.04 4.54
CA GLU A 57 1.57 -29.98 3.82
C GLU A 57 0.97 -30.37 2.46
N ASP A 58 -0.31 -30.76 2.46
CA ASP A 58 -1.04 -31.10 1.22
C ASP A 58 -1.04 -29.97 0.19
N ARG A 59 -1.11 -28.72 0.66
CA ARG A 59 -0.99 -27.53 -0.20
C ARG A 59 0.47 -27.08 -0.45
N GLY A 60 1.45 -27.87 0.01
CA GLY A 60 2.87 -27.55 -0.10
C GLY A 60 3.24 -26.18 0.46
N GLU A 61 2.72 -25.86 1.65
CA GLU A 61 2.95 -24.56 2.30
C GLU A 61 3.80 -24.64 3.56
N VAL A 62 4.27 -25.84 3.91
CA VAL A 62 5.23 -26.02 5.01
C VAL A 62 6.64 -26.06 4.40
N THR A 63 7.05 -24.94 3.82
CA THR A 63 8.41 -24.74 3.34
C THR A 63 8.92 -23.45 3.94
N PHE A 64 10.24 -23.33 4.00
CA PHE A 64 10.87 -22.15 4.55
C PHE A 64 10.41 -20.86 3.85
N GLU A 65 10.38 -20.89 2.52
CA GLU A 65 10.01 -19.70 1.73
C GLU A 65 8.58 -19.27 2.04
N LYS A 66 7.68 -20.24 2.20
CA LYS A 66 6.27 -19.94 2.43
C LYS A 66 6.02 -19.35 3.82
N ILE A 67 6.57 -20.01 4.84
CA ILE A 67 6.32 -19.61 6.24
C ILE A 67 7.15 -18.40 6.65
N PHE A 68 8.43 -18.39 6.28
CA PHE A 68 9.34 -17.30 6.67
C PHE A 68 8.92 -15.94 6.11
N SER A 69 8.35 -15.94 4.91
CA SER A 69 7.89 -14.70 4.26
C SER A 69 6.55 -14.18 4.81
N GLN A 70 5.88 -14.96 5.64
CA GLN A 70 4.74 -14.46 6.43
C GLN A 70 5.25 -13.81 7.72
N LYS A 71 4.67 -12.65 8.06
CA LYS A 71 5.09 -11.88 9.23
C LYS A 71 5.01 -12.68 10.53
N LEU A 72 3.92 -13.41 10.72
CA LEU A 72 3.73 -14.20 11.93
C LEU A 72 4.64 -15.43 11.94
N GLY A 73 4.91 -15.99 10.77
CA GLY A 73 5.87 -17.08 10.64
C GLY A 73 7.28 -16.64 10.97
N TYR A 74 7.70 -15.52 10.36
CA TYR A 74 8.98 -14.88 10.69
C TYR A 74 9.17 -14.67 12.19
N LEU A 75 8.18 -14.07 12.83
CA LEU A 75 8.26 -13.73 14.26
C LEU A 75 8.43 -14.95 15.15
N LEU A 76 7.67 -15.99 14.87
CA LEU A 76 7.75 -17.24 15.65
C LEU A 76 9.02 -18.03 15.36
N PHE A 77 9.46 -18.03 14.10
CA PHE A 77 10.72 -18.69 13.72
C PHE A 77 11.91 -17.95 14.33
N ARG A 78 11.86 -16.62 14.30
CA ARG A 78 12.84 -15.78 14.98
C ARG A 78 12.97 -16.18 16.44
N ASP A 79 11.85 -16.23 17.15
CA ASP A 79 11.86 -16.56 18.57
C ASP A 79 12.36 -17.97 18.83
N PHE A 80 12.06 -18.90 17.93
CA PHE A 80 12.57 -20.26 18.04
C PHE A 80 14.09 -20.27 17.97
N CYS A 81 14.64 -19.63 16.93
CA CYS A 81 16.09 -19.48 16.79
C CYS A 81 16.71 -18.90 18.05
N LEU A 82 16.11 -17.83 18.57
CA LEU A 82 16.64 -17.12 19.74
C LEU A 82 16.61 -17.93 21.04
N ASN A 83 15.69 -18.89 21.14
CA ASN A 83 15.65 -19.81 22.30
C ASN A 83 16.64 -20.96 22.15
N HIS A 84 16.98 -21.30 20.90
CA HIS A 84 17.86 -22.44 20.59
C HIS A 84 19.03 -22.02 19.69
N LEU A 85 19.78 -21.00 20.14
CA LEU A 85 20.90 -20.44 19.36
C LEU A 85 21.98 -21.46 19.02
N GLU A 86 22.18 -22.43 19.90
CA GLU A 86 23.18 -23.51 19.71
C GLU A 86 23.05 -24.23 18.37
N GLU A 87 21.82 -24.33 17.86
CA GLU A 87 21.55 -24.94 16.54
C GLU A 87 22.07 -24.15 15.32
N ALA A 88 22.45 -22.89 15.52
CA ALA A 88 23.11 -22.10 14.47
C ALA A 88 24.46 -21.58 14.98
N ARG A 89 25.51 -22.37 14.74
CA ARG A 89 26.89 -22.10 15.23
C ARG A 89 27.32 -20.61 15.29
N PRO A 90 27.24 -19.89 14.14
CA PRO A 90 27.67 -18.46 14.16
C PRO A 90 26.84 -17.54 15.07
N LEU A 91 25.56 -17.84 15.23
CA LEU A 91 24.66 -17.01 16.06
C LEU A 91 24.94 -17.08 17.58
N VAL A 92 25.57 -18.15 18.05
CA VAL A 92 25.88 -18.30 19.48
C VAL A 92 26.96 -17.32 19.90
N GLU A 93 28.11 -17.37 19.21
CA GLU A 93 29.26 -16.51 19.54
C GLU A 93 28.92 -15.03 19.40
N PHE A 94 28.14 -14.70 18.38
CA PHE A 94 27.70 -13.33 18.15
C PHE A 94 26.86 -12.80 19.30
N TYR A 95 25.85 -13.57 19.72
CA TYR A 95 24.98 -13.16 20.82
C TYR A 95 25.64 -13.29 22.19
N GLU A 96 26.66 -14.15 22.30
CA GLU A 96 27.52 -14.16 23.49
C GLU A 96 28.36 -12.87 23.61
N GLU A 97 28.83 -12.34 22.48
CA GLU A 97 29.64 -11.10 22.47
C GLU A 97 28.81 -9.83 22.71
N ILE A 98 27.58 -9.81 22.22
CA ILE A 98 26.69 -8.64 22.37
C ILE A 98 26.23 -8.45 23.82
N LYS A 99 25.98 -9.55 24.53
CA LYS A 99 25.62 -9.47 25.95
C LYS A 99 26.74 -8.80 26.77
N LYS A 100 27.99 -9.06 26.41
CA LYS A 100 29.14 -8.45 27.10
C LYS A 100 29.35 -6.98 26.66
N TYR A 101 29.11 -6.71 25.37
CA TYR A 101 29.29 -5.38 24.78
C TYR A 101 28.24 -4.36 25.28
N GLU A 102 27.00 -4.81 25.46
CA GLU A 102 25.91 -3.94 25.91
C GLU A 102 25.58 -4.06 27.42
N LYS A 103 26.15 -5.07 28.09
CA LYS A 103 26.00 -5.25 29.55
C LYS A 103 24.53 -5.36 29.96
N LEU A 104 23.83 -6.35 29.41
CA LEU A 104 22.37 -6.40 29.48
C LEU A 104 21.84 -6.96 30.81
N GLU A 105 20.56 -6.69 31.06
CA GLU A 105 19.86 -7.12 32.27
C GLU A 105 19.37 -8.56 32.13
N VAL A 111 16.48 -9.75 25.91
CA VAL A 111 15.44 -10.48 25.12
C VAL A 111 14.83 -9.58 24.04
N ALA A 112 14.47 -8.37 24.42
CA ALA A 112 13.94 -7.39 23.47
C ALA A 112 15.02 -6.90 22.51
N ARG A 113 16.27 -6.84 23.00
CA ARG A 113 17.43 -6.53 22.14
C ARG A 113 17.70 -7.64 21.14
N SER A 114 17.69 -8.88 21.62
CA SER A 114 17.88 -10.07 20.77
C SER A 114 16.97 -10.02 19.54
N ARG A 115 15.69 -9.72 19.78
CA ARG A 115 14.70 -9.60 18.71
C ARG A 115 15.02 -8.45 17.75
N GLU A 116 15.38 -7.29 18.31
CA GLU A 116 15.69 -6.12 17.50
C GLU A 116 16.90 -6.39 16.61
N ILE A 117 17.97 -6.90 17.23
CA ILE A 117 19.23 -7.22 16.52
C ILE A 117 19.02 -8.25 15.42
N PHE A 118 18.16 -9.24 15.69
CA PHE A 118 17.78 -10.19 14.65
C PHE A 118 17.10 -9.46 13.49
N ASP A 119 16.09 -8.64 13.81
CA ASP A 119 15.30 -7.95 12.80
C ASP A 119 16.11 -6.94 12.00
N SER A 120 16.96 -6.17 12.69
CA SER A 120 17.64 -5.00 12.10
C SER A 120 19.01 -5.34 11.52
N TYR A 121 19.81 -6.06 12.29
CA TYR A 121 21.20 -6.33 11.91
C TYR A 121 21.34 -7.67 11.19
N ILE A 122 20.90 -8.75 11.84
CA ILE A 122 21.12 -10.10 11.31
C ILE A 122 20.40 -10.33 9.98
N MET A 123 19.13 -9.92 9.90
CA MET A 123 18.37 -10.04 8.66
C MET A 123 18.95 -9.22 7.51
N LYS A 124 19.44 -8.03 7.82
CA LYS A 124 20.03 -7.15 6.81
C LYS A 124 21.30 -7.78 6.21
N GLU A 125 22.17 -8.30 7.07
CA GLU A 125 23.44 -8.92 6.64
C GLU A 125 23.24 -10.21 5.83
N LEU A 126 22.13 -10.91 6.07
CA LEU A 126 21.82 -12.17 5.40
C LEU A 126 20.79 -12.05 4.27
N LEU A 127 20.08 -10.92 4.20
CA LEU A 127 19.13 -10.66 3.11
C LEU A 127 17.99 -11.71 3.02
N ALA A 128 17.63 -12.31 4.15
CA ALA A 128 16.88 -13.60 4.15
C ALA A 128 17.49 -14.58 3.14
N PRO A 151 26.19 -6.91 -6.63
CA PRO A 151 27.59 -6.55 -6.40
C PRO A 151 28.30 -7.56 -5.47
N PRO A 152 29.37 -8.22 -5.94
CA PRO A 152 29.94 -9.39 -5.26
C PRO A 152 30.47 -9.09 -3.85
N ASP A 153 30.17 -9.98 -2.91
CA ASP A 153 30.56 -9.84 -1.52
C ASP A 153 31.55 -10.96 -1.17
N LEU A 154 32.65 -10.59 -0.52
CA LEU A 154 33.63 -11.57 -0.01
C LEU A 154 33.02 -12.67 0.88
N PHE A 155 31.98 -12.31 1.64
CA PHE A 155 31.33 -13.24 2.58
C PHE A 155 30.14 -14.01 1.98
N GLN A 156 30.07 -14.13 0.65
CA GLN A 156 28.93 -14.77 0.00
C GLN A 156 28.76 -16.24 0.38
N PRO A 157 29.86 -17.03 0.33
CA PRO A 157 29.73 -18.45 0.72
C PRO A 157 29.36 -18.63 2.19
N TYR A 158 29.74 -17.67 3.03
CA TYR A 158 29.44 -17.74 4.47
C TYR A 158 27.99 -17.37 4.76
N ILE A 159 27.47 -16.40 4.01
CA ILE A 159 26.04 -16.08 4.05
C ILE A 159 25.18 -17.28 3.64
N GLU A 160 25.57 -17.96 2.56
CA GLU A 160 24.86 -19.17 2.11
C GLU A 160 24.89 -20.31 3.13
N GLU A 161 26.03 -20.52 3.78
CA GLU A 161 26.14 -21.57 4.82
C GLU A 161 25.19 -21.34 5.99
N ILE A 162 25.13 -20.10 6.48
CA ILE A 162 24.24 -19.73 7.58
C ILE A 162 22.79 -19.93 7.15
N CYS A 163 22.44 -19.36 6.01
CA CYS A 163 21.09 -19.46 5.46
C CYS A 163 20.65 -20.90 5.15
N GLN A 164 21.57 -21.73 4.65
CA GLN A 164 21.26 -23.13 4.33
C GLN A 164 20.98 -23.95 5.58
N ASN A 165 21.72 -23.65 6.65
CA ASN A 165 21.47 -24.23 7.96
C ASN A 165 20.13 -23.74 8.52
N LEU A 166 19.84 -22.45 8.33
CA LEU A 166 18.59 -21.86 8.80
C LEU A 166 17.35 -22.42 8.10
N ARG A 167 17.41 -22.58 6.79
CA ARG A 167 16.27 -23.04 6.02
C ARG A 167 16.12 -24.57 5.98
N GLY A 168 17.13 -25.30 6.49
CA GLY A 168 17.11 -26.76 6.56
C GLY A 168 16.90 -27.30 7.97
N ASP A 169 18.01 -27.50 8.69
CA ASP A 169 17.99 -28.17 10.01
C ASP A 169 17.29 -27.38 11.11
N VAL A 170 17.41 -26.05 11.07
CA VAL A 170 16.77 -25.20 12.08
C VAL A 170 15.27 -25.06 11.79
N PHE A 171 14.91 -24.95 10.51
CA PHE A 171 13.50 -24.96 10.08
C PHE A 171 12.81 -26.26 10.44
N GLN A 172 13.47 -27.39 10.14
CA GLN A 172 12.93 -28.71 10.48
C GLN A 172 12.65 -28.82 11.96
N LYS A 173 13.64 -28.48 12.78
CA LYS A 173 13.47 -28.46 14.24
C LYS A 173 12.38 -27.48 14.69
N PHE A 174 12.24 -26.36 13.97
CA PHE A 174 11.12 -25.44 14.18
C PHE A 174 9.77 -26.11 13.90
N ILE A 175 9.65 -26.83 12.77
CA ILE A 175 8.41 -27.55 12.42
C ILE A 175 8.00 -28.51 13.53
N GLU A 176 8.98 -29.15 14.16
CA GLU A 176 8.74 -30.13 15.21
C GLU A 176 8.57 -29.53 16.62
N SER A 177 8.67 -28.21 16.76
CA SER A 177 8.63 -27.56 18.07
C SER A 177 7.25 -26.96 18.40
N ASP A 178 7.11 -26.52 19.65
CA ASP A 178 5.88 -25.83 20.13
C ASP A 178 5.60 -24.55 19.34
N LYS A 179 6.66 -23.93 18.81
CA LYS A 179 6.55 -22.67 18.07
C LYS A 179 5.77 -22.83 16.76
N PHE A 180 5.91 -23.99 16.11
CA PHE A 180 5.12 -24.29 14.92
C PHE A 180 3.67 -24.62 15.29
N THR A 181 3.46 -25.29 16.42
CA THR A 181 2.11 -25.47 16.98
C THR A 181 1.40 -24.11 17.11
N ARG A 182 2.13 -23.12 17.63
CA ARG A 182 1.61 -21.76 17.78
C ARG A 182 1.34 -21.09 16.42
N PHE A 183 2.19 -21.32 15.43
CA PHE A 183 1.93 -20.83 14.08
C PHE A 183 0.65 -21.44 13.50
N CYS A 184 0.45 -22.73 13.72
CA CYS A 184 -0.78 -23.42 13.29
C CYS A 184 -2.03 -22.81 13.93
N GLN A 185 -1.93 -22.41 15.20
CA GLN A 185 -3.03 -21.77 15.93
C GLN A 185 -3.42 -20.41 15.34
N TRP A 186 -2.42 -19.58 15.08
CA TRP A 186 -2.66 -18.27 14.44
C TRP A 186 -3.17 -18.42 13.01
N LYS A 187 -2.59 -19.37 12.29
CA LYS A 187 -3.01 -19.65 10.91
C LYS A 187 -4.46 -20.17 10.84
N ASN A 188 -4.86 -20.97 11.82
CA ASN A 188 -6.24 -21.44 11.94
C ASN A 188 -7.20 -20.26 12.16
N VAL A 189 -6.81 -19.33 13.01
CA VAL A 189 -7.61 -18.11 13.24
C VAL A 189 -7.76 -17.33 11.93
N GLU A 190 -6.68 -17.19 11.16
CA GLU A 190 -6.70 -16.50 9.87
C GLU A 190 -7.69 -17.12 8.88
N LEU A 191 -7.69 -18.44 8.76
CA LEU A 191 -8.61 -19.15 7.87
C LEU A 191 -10.07 -19.11 8.38
N ASN A 192 -10.27 -18.75 9.65
CA ASN A 192 -11.61 -18.62 10.25
C ASN A 192 -12.13 -17.17 10.35
N ILE A 193 -11.62 -16.26 9.52
CA ILE A 193 -12.10 -14.88 9.52
C ILE A 193 -13.41 -14.77 8.73
N HIS A 194 -14.50 -14.40 9.43
CA HIS A 194 -15.82 -14.18 8.83
C HIS A 194 -16.36 -12.84 9.32
N LEU A 195 -16.00 -11.77 8.61
CA LEU A 195 -16.28 -10.42 9.07
C LEU A 195 -17.72 -10.00 8.87
N THR A 196 -18.31 -9.43 9.93
CA THR A 196 -19.60 -8.76 9.88
C THR A 196 -19.42 -7.37 10.50
N MET A 197 -20.50 -6.60 10.55
CA MET A 197 -20.46 -5.24 11.08
C MET A 197 -20.30 -5.20 12.62
N ASN A 198 -20.63 -6.30 13.32
CA ASN A 198 -20.40 -6.39 14.78
C ASN A 198 -18.92 -6.49 15.16
N ASP A 199 -18.09 -6.92 14.21
CA ASP A 199 -16.64 -6.99 14.41
C ASP A 199 -15.98 -5.61 14.39
N PHE A 200 -16.72 -4.58 13.96
CA PHE A 200 -16.26 -3.18 13.98
C PHE A 200 -17.12 -2.30 14.86
N SER A 201 -16.50 -1.25 15.42
CA SER A 201 -17.21 -0.18 16.11
C SER A 201 -17.13 1.05 15.21
N VAL A 202 -18.28 1.50 14.69
CA VAL A 202 -18.33 2.55 13.66
C VAL A 202 -18.55 3.95 14.28
N HIS A 203 -17.72 4.90 13.84
CA HIS A 203 -17.78 6.29 14.32
C HIS A 203 -18.29 7.21 13.18
N ARG A 204 -17.77 8.45 13.07
CA ARG A 204 -18.39 9.47 12.21
C ARG A 204 -18.03 9.31 10.73
N ILE A 205 -18.76 10.04 9.87
CA ILE A 205 -18.53 10.04 8.42
C ILE A 205 -17.27 10.85 8.12
N ILE A 206 -16.45 10.36 7.19
CA ILE A 206 -15.20 11.05 6.81
C ILE A 206 -15.01 11.14 5.29
N GLY A 207 -16.09 10.96 4.53
CA GLY A 207 -16.02 10.90 3.07
C GLY A 207 -17.38 10.53 2.48
N ARG A 208 -17.64 11.01 1.27
CA ARG A 208 -18.92 10.77 0.59
C ARG A 208 -18.67 10.56 -0.90
N GLY A 209 -19.53 9.76 -1.53
CA GLY A 209 -19.42 9.50 -2.97
C GLY A 209 -20.71 9.06 -3.63
N GLY A 210 -20.60 8.64 -4.89
CA GLY A 210 -21.75 8.36 -5.74
C GLY A 210 -22.64 7.21 -5.27
N PHE A 211 -22.00 6.14 -4.78
CA PHE A 211 -22.73 4.93 -4.35
C PHE A 211 -22.79 4.74 -2.82
N GLY A 212 -22.08 5.58 -2.07
CA GLY A 212 -22.08 5.46 -0.60
C GLY A 212 -21.18 6.46 0.11
N GLU A 213 -20.71 6.07 1.29
CA GLU A 213 -19.88 6.95 2.13
C GLU A 213 -18.82 6.17 2.93
N VAL A 214 -17.90 6.91 3.55
CA VAL A 214 -16.75 6.34 4.28
C VAL A 214 -16.80 6.76 5.74
N TYR A 215 -16.66 5.79 6.64
CA TYR A 215 -16.73 6.04 8.08
C TYR A 215 -15.40 5.71 8.75
N GLY A 216 -15.12 6.38 9.86
CA GLY A 216 -14.06 5.96 10.76
C GLY A 216 -14.55 4.81 11.61
N CYS A 217 -13.67 3.86 11.92
CA CYS A 217 -14.05 2.70 12.72
C CYS A 217 -12.87 2.01 13.41
N ARG A 218 -13.19 1.29 14.48
CA ARG A 218 -12.24 0.42 15.17
C ARG A 218 -12.69 -1.02 14.98
N LYS A 219 -11.75 -1.87 14.57
CA LYS A 219 -11.97 -3.32 14.57
C LYS A 219 -11.79 -3.83 15.99
N ALA A 220 -12.82 -4.49 16.52
CA ALA A 220 -12.95 -4.71 17.97
C ALA A 220 -11.85 -5.60 18.55
N ASP A 221 -11.58 -6.73 17.91
CA ASP A 221 -10.66 -7.73 18.46
C ASP A 221 -9.20 -7.26 18.60
N THR A 222 -8.76 -6.35 17.72
CA THR A 222 -7.38 -5.79 17.75
C THR A 222 -7.31 -4.34 18.20
N GLY A 223 -8.35 -3.56 17.96
CA GLY A 223 -8.39 -2.15 18.33
C GLY A 223 -7.79 -1.21 17.29
N LYS A 224 -7.48 -1.75 16.10
CA LYS A 224 -6.89 -0.95 15.04
C LYS A 224 -7.95 -0.06 14.43
N MET A 225 -7.62 1.22 14.25
CA MET A 225 -8.51 2.16 13.58
C MET A 225 -8.40 1.93 12.09
N TYR A 226 -9.54 1.97 11.40
CA TYR A 226 -9.60 1.83 9.95
C TYR A 226 -10.63 2.80 9.37
N ALA A 227 -10.55 2.99 8.06
CA ALA A 227 -11.65 3.57 7.30
C ALA A 227 -12.49 2.43 6.71
N MET A 228 -13.81 2.56 6.84
CA MET A 228 -14.74 1.60 6.25
C MET A 228 -15.49 2.30 5.14
N LYS A 229 -15.15 1.99 3.88
CA LYS A 229 -15.91 2.49 2.73
C LYS A 229 -17.12 1.57 2.53
N CYS A 230 -18.31 2.14 2.65
CA CYS A 230 -19.53 1.37 2.70
C CYS A 230 -20.45 1.78 1.55
N LEU A 231 -20.45 0.98 0.49
CA LEU A 231 -21.31 1.24 -0.68
C LEU A 231 -22.67 0.56 -0.53
N ASP A 232 -23.74 1.30 -0.81
CA ASP A 232 -25.11 0.79 -0.70
C ASP A 232 -25.50 0.01 -1.97
N LYS A 233 -25.87 -1.25 -1.80
CA LYS A 233 -26.18 -2.11 -2.95
C LYS A 233 -27.40 -1.63 -3.75
N LYS A 234 -28.43 -1.16 -3.06
CA LYS A 234 -29.60 -0.53 -3.74
C LYS A 234 -29.14 0.54 -4.73
N ARG A 235 -28.33 1.48 -4.24
CA ARG A 235 -27.89 2.62 -5.04
C ARG A 235 -26.97 2.20 -6.20
N ILE A 236 -26.21 1.13 -6.00
CA ILE A 236 -25.38 0.56 -7.07
C ILE A 236 -26.26 -0.01 -8.18
N LYS A 237 -27.22 -0.86 -7.78
CA LYS A 237 -28.21 -1.42 -8.72
C LYS A 237 -28.93 -0.31 -9.46
N MET A 238 -29.40 0.68 -8.71
CA MET A 238 -30.19 1.80 -9.25
C MET A 238 -29.44 2.64 -10.28
N LYS A 239 -28.12 2.77 -10.10
CA LYS A 239 -27.27 3.55 -11.00
C LYS A 239 -26.51 2.71 -12.04
N GLN A 240 -26.72 1.38 -12.03
CA GLN A 240 -26.11 0.46 -13.00
C GLN A 240 -24.57 0.56 -12.98
N GLY A 241 -24.00 0.49 -11.78
CA GLY A 241 -22.54 0.61 -11.59
C GLY A 241 -21.94 -0.56 -10.83
N GLU A 242 -22.37 -1.77 -11.19
CA GLU A 242 -21.87 -3.00 -10.56
C GLU A 242 -20.44 -3.28 -11.01
N THR A 243 -20.21 -3.16 -12.32
CA THR A 243 -18.91 -3.42 -12.93
C THR A 243 -17.77 -2.60 -12.30
N LEU A 244 -18.05 -1.33 -11.98
CA LEU A 244 -17.03 -0.42 -11.43
C LEU A 244 -16.79 -0.63 -9.93
N ALA A 245 -17.86 -0.92 -9.18
CA ALA A 245 -17.73 -1.31 -7.78
C ALA A 245 -16.86 -2.55 -7.62
N LEU A 246 -17.08 -3.55 -8.47
CA LEU A 246 -16.27 -4.77 -8.49
C LEU A 246 -14.86 -4.52 -9.00
N ASN A 247 -14.71 -3.60 -9.96
CA ASN A 247 -13.38 -3.22 -10.47
C ASN A 247 -12.50 -2.66 -9.33
N GLU A 248 -13.09 -1.83 -8.48
CA GLU A 248 -12.40 -1.30 -7.30
C GLU A 248 -11.88 -2.42 -6.40
N ARG A 249 -12.69 -3.47 -6.24
CA ARG A 249 -12.31 -4.62 -5.42
C ARG A 249 -11.16 -5.42 -6.04
N ILE A 250 -11.20 -5.62 -7.35
CA ILE A 250 -10.10 -6.28 -8.06
C ILE A 250 -8.84 -5.42 -7.97
N MET A 251 -9.00 -4.12 -8.29
CA MET A 251 -7.86 -3.21 -8.31
C MET A 251 -7.19 -3.10 -6.95
N LEU A 252 -8.00 -2.99 -5.89
CA LEU A 252 -7.47 -2.94 -4.53
C LEU A 252 -6.73 -4.22 -4.18
N SER A 253 -7.30 -5.36 -4.57
CA SER A 253 -6.67 -6.66 -4.33
C SER A 253 -5.26 -6.75 -4.94
N LEU A 254 -5.10 -6.26 -6.17
CA LEU A 254 -3.81 -6.30 -6.86
C LEU A 254 -2.76 -5.38 -6.21
N VAL A 255 -3.22 -4.25 -5.69
CA VAL A 255 -2.37 -3.17 -5.19
C VAL A 255 -2.01 -3.32 -3.71
N SER A 256 -2.87 -3.98 -2.93
CA SER A 256 -2.77 -3.98 -1.46
C SER A 256 -1.79 -5.01 -0.87
N THR A 257 -1.03 -5.69 -1.74
CA THR A 257 0.13 -6.49 -1.31
C THR A 257 1.38 -5.60 -1.19
N GLY A 258 2.42 -6.13 -0.55
CA GLY A 258 3.72 -5.43 -0.48
C GLY A 258 3.85 -4.35 0.59
N ASP A 259 2.75 -3.98 1.24
CA ASP A 259 2.79 -2.99 2.32
C ASP A 259 3.40 -1.63 1.87
N CYS A 260 2.63 -0.88 1.07
CA CYS A 260 3.08 0.41 0.52
C CYS A 260 2.47 1.55 1.32
N PRO A 261 3.30 2.52 1.77
CA PRO A 261 2.78 3.62 2.59
C PRO A 261 2.19 4.80 1.81
N PHE A 262 2.03 4.68 0.48
CA PHE A 262 1.57 5.81 -0.35
C PHE A 262 0.31 5.52 -1.16
N ILE A 263 -0.41 4.46 -0.78
CA ILE A 263 -1.67 4.12 -1.40
C ILE A 263 -2.66 3.76 -0.29
N VAL A 264 -3.90 4.18 -0.44
CA VAL A 264 -4.96 3.80 0.48
C VAL A 264 -5.34 2.35 0.18
N CYS A 265 -4.71 1.42 0.90
CA CYS A 265 -4.85 -0.01 0.63
C CYS A 265 -5.99 -0.64 1.41
N MET A 266 -6.34 -1.86 1.01
CA MET A 266 -7.44 -2.63 1.58
C MET A 266 -6.89 -3.75 2.44
N SER A 267 -7.47 -3.92 3.64
CA SER A 267 -7.17 -5.08 4.49
C SER A 267 -8.25 -6.15 4.34
N TYR A 268 -9.52 -5.74 4.34
CA TYR A 268 -10.65 -6.66 4.26
C TYR A 268 -11.71 -6.17 3.29
N ALA A 269 -12.44 -7.13 2.71
CA ALA A 269 -13.69 -6.85 2.02
C ALA A 269 -14.73 -7.83 2.53
N PHE A 270 -15.92 -7.35 2.86
CA PHE A 270 -17.06 -8.22 3.18
C PHE A 270 -18.36 -7.56 2.73
N HIS A 271 -19.46 -8.27 2.86
CA HIS A 271 -20.76 -7.71 2.48
C HIS A 271 -21.89 -8.19 3.40
N THR A 272 -22.96 -7.41 3.43
CA THR A 272 -24.11 -7.64 4.30
C THR A 272 -25.31 -7.86 3.40
N PRO A 273 -26.51 -8.06 3.97
CA PRO A 273 -27.70 -7.99 3.15
C PRO A 273 -27.71 -6.86 2.10
N ASP A 274 -27.36 -5.63 2.50
CA ASP A 274 -27.58 -4.44 1.64
C ASP A 274 -26.39 -3.45 1.47
N LYS A 275 -25.19 -3.83 1.90
CA LYS A 275 -24.01 -2.94 1.78
C LYS A 275 -22.74 -3.70 1.37
N LEU A 276 -21.99 -3.14 0.42
CA LEU A 276 -20.59 -3.56 0.17
C LEU A 276 -19.66 -2.77 1.08
N SER A 277 -18.71 -3.45 1.71
CA SER A 277 -17.82 -2.82 2.67
C SER A 277 -16.35 -3.08 2.34
N PHE A 278 -15.61 -2.02 2.09
CA PHE A 278 -14.13 -2.07 2.01
C PHE A 278 -13.54 -1.51 3.30
N ILE A 279 -12.69 -2.29 3.96
CA ILE A 279 -11.90 -1.79 5.08
C ILE A 279 -10.55 -1.32 4.52
N LEU A 280 -10.23 -0.05 4.77
CA LEU A 280 -9.12 0.62 4.11
C LEU A 280 -8.26 1.38 5.11
N ASP A 281 -7.02 1.70 4.71
CA ASP A 281 -6.15 2.58 5.51
C ASP A 281 -6.88 3.84 5.87
N LEU A 282 -6.94 4.17 7.16
CA LEU A 282 -7.61 5.39 7.63
C LEU A 282 -6.80 6.64 7.26
N MET A 283 -7.45 7.54 6.51
CA MET A 283 -6.89 8.83 6.15
C MET A 283 -7.81 9.92 6.67
N ASN A 284 -7.36 10.55 7.75
CA ASN A 284 -8.17 11.35 8.63
C ASN A 284 -8.07 12.85 8.33
N GLY A 285 -7.10 13.23 7.50
CA GLY A 285 -6.70 14.63 7.37
C GLY A 285 -7.24 15.39 6.18
N GLY A 286 -8.25 14.86 5.50
CA GLY A 286 -8.82 15.52 4.31
C GLY A 286 -7.97 15.32 3.07
N ASP A 287 -8.37 15.96 1.96
CA ASP A 287 -7.68 15.78 0.67
C ASP A 287 -6.96 17.05 0.20
N LEU A 288 -6.07 16.89 -0.77
CA LEU A 288 -5.26 18.01 -1.27
C LEU A 288 -6.05 19.09 -2.00
N HIS A 289 -7.20 18.73 -2.55
CA HIS A 289 -8.10 19.72 -3.15
C HIS A 289 -8.57 20.71 -2.08
N TYR A 290 -9.14 20.19 -1.01
CA TYR A 290 -9.62 20.99 0.11
C TYR A 290 -8.51 21.84 0.74
N HIS A 291 -7.36 21.23 0.97
CA HIS A 291 -6.23 21.92 1.59
C HIS A 291 -5.59 22.95 0.68
N LEU A 292 -5.62 22.72 -0.64
CA LEU A 292 -5.12 23.72 -1.58
C LEU A 292 -5.98 24.99 -1.55
N SER A 293 -7.29 24.82 -1.37
CA SER A 293 -8.21 25.97 -1.28
C SER A 293 -8.07 26.73 0.05
N GLN A 294 -7.66 26.04 1.12
CA GLN A 294 -7.41 26.69 2.43
C GLN A 294 -6.00 27.31 2.50
N HIS A 295 -4.99 26.52 2.14
CA HIS A 295 -3.59 26.95 2.19
C HIS A 295 -3.29 28.01 1.13
N GLY A 296 -3.96 27.92 -0.01
CA GLY A 296 -3.47 28.58 -1.22
C GLY A 296 -2.42 27.69 -1.86
N VAL A 297 -1.82 28.16 -2.95
CA VAL A 297 -0.79 27.38 -3.66
C VAL A 297 0.40 27.08 -2.76
N PHE A 298 1.13 26.04 -3.12
CA PHE A 298 2.33 25.63 -2.42
C PHE A 298 3.57 26.11 -3.14
N SER A 299 4.63 26.32 -2.38
CA SER A 299 5.94 26.62 -2.93
C SER A 299 6.52 25.37 -3.59
N GLU A 300 7.68 25.52 -4.22
CA GLU A 300 8.40 24.37 -4.78
C GLU A 300 8.85 23.40 -3.68
N ALA A 301 9.27 23.95 -2.54
CA ALA A 301 9.76 23.11 -1.44
C ALA A 301 8.66 22.22 -0.87
N ASP A 302 7.46 22.78 -0.68
CA ASP A 302 6.31 22.03 -0.14
C ASP A 302 5.77 21.02 -1.16
N MET A 303 5.65 21.43 -2.43
CA MET A 303 5.17 20.55 -3.50
C MET A 303 6.06 19.32 -3.69
N ARG A 304 7.37 19.52 -3.56
CA ARG A 304 8.34 18.43 -3.67
C ARG A 304 8.03 17.26 -2.76
N PHE A 305 7.71 17.57 -1.50
CA PHE A 305 7.27 16.55 -0.55
C PHE A 305 6.10 15.69 -1.12
N TYR A 306 5.01 16.34 -1.52
CA TYR A 306 3.83 15.63 -2.05
C TYR A 306 4.15 14.85 -3.33
N ALA A 307 4.96 15.46 -4.21
CA ALA A 307 5.35 14.83 -5.47
C ALA A 307 6.11 13.55 -5.23
N ALA A 308 7.09 13.61 -4.33
CA ALA A 308 7.95 12.46 -4.02
C ALA A 308 7.15 11.27 -3.49
N GLU A 309 6.27 11.53 -2.52
CA GLU A 309 5.41 10.48 -1.96
C GLU A 309 4.44 9.89 -3.01
N ILE A 310 3.94 10.74 -3.91
CA ILE A 310 3.02 10.29 -4.97
C ILE A 310 3.73 9.48 -6.05
N ILE A 311 4.93 9.91 -6.40
CA ILE A 311 5.77 9.16 -7.35
C ILE A 311 6.00 7.73 -6.87
N LEU A 312 6.14 7.56 -5.55
CA LEU A 312 6.35 6.22 -4.98
C LEU A 312 5.07 5.39 -4.93
N GLY A 313 3.93 6.07 -4.76
CA GLY A 313 2.63 5.42 -4.91
C GLY A 313 2.38 4.89 -6.32
N LEU A 314 2.78 5.68 -7.33
CA LEU A 314 2.60 5.29 -8.74
C LEU A 314 3.53 4.17 -9.15
N GLU A 315 4.79 4.26 -8.73
CA GLU A 315 5.77 3.21 -8.97
C GLU A 315 5.24 1.87 -8.51
N HIS A 316 4.74 1.82 -7.27
CA HIS A 316 4.13 0.62 -6.70
C HIS A 316 3.02 0.07 -7.59
N MET A 317 2.11 0.93 -8.03
CA MET A 317 0.98 0.52 -8.91
C MET A 317 1.45 0.03 -10.27
N HIS A 318 2.38 0.76 -10.88
CA HIS A 318 2.92 0.38 -12.19
C HIS A 318 3.68 -0.93 -12.14
N ASN A 319 4.41 -1.16 -11.05
CA ASN A 319 5.07 -2.45 -10.82
C ASN A 319 4.10 -3.63 -10.77
N ARG A 320 2.86 -3.38 -10.37
CA ARG A 320 1.81 -4.39 -10.40
C ARG A 320 0.90 -4.26 -11.64
N PHE A 321 1.42 -3.61 -12.70
CA PHE A 321 0.72 -3.43 -13.99
C PHE A 321 -0.69 -2.83 -13.83
N VAL A 322 -0.75 -1.74 -13.10
CA VAL A 322 -2.00 -1.00 -12.89
C VAL A 322 -1.78 0.47 -13.21
N VAL A 323 -2.52 0.97 -14.20
CA VAL A 323 -2.63 2.41 -14.44
C VAL A 323 -3.77 2.91 -13.58
N TYR A 324 -3.58 4.10 -13.02
CA TYR A 324 -4.51 4.65 -12.06
C TYR A 324 -5.58 5.50 -12.75
N ARG A 325 -5.14 6.33 -13.70
CA ARG A 325 -6.01 7.08 -14.64
C ARG A 325 -6.77 8.29 -14.09
N ASP A 326 -6.91 8.41 -12.77
CA ASP A 326 -7.66 9.52 -12.16
C ASP A 326 -6.79 10.31 -11.16
N LEU A 327 -5.53 10.57 -11.54
CA LEU A 327 -4.62 11.30 -10.67
C LEU A 327 -4.94 12.79 -10.67
N LYS A 328 -5.33 13.30 -9.50
CA LYS A 328 -5.73 14.70 -9.30
C LYS A 328 -5.76 15.00 -7.78
N PRO A 329 -5.79 16.28 -7.38
CA PRO A 329 -5.61 16.62 -5.95
C PRO A 329 -6.70 16.11 -5.01
N ALA A 330 -7.95 16.07 -5.46
CA ALA A 330 -9.05 15.55 -4.64
C ALA A 330 -8.92 14.07 -4.33
N ASN A 331 -8.07 13.35 -5.08
CA ASN A 331 -7.82 11.93 -4.85
C ASN A 331 -6.49 11.68 -4.12
N ILE A 332 -5.92 12.73 -3.53
CA ILE A 332 -4.73 12.59 -2.69
C ILE A 332 -5.16 12.93 -1.26
N LEU A 333 -5.23 11.91 -0.41
CA LEU A 333 -5.67 12.08 0.97
C LEU A 333 -4.47 12.26 1.89
N LEU A 334 -4.69 13.04 2.96
CA LEU A 334 -3.69 13.25 4.00
C LEU A 334 -4.11 12.47 5.23
N ASP A 335 -3.14 11.86 5.91
CA ASP A 335 -3.36 11.36 7.27
C ASP A 335 -3.26 12.53 8.26
N GLU A 336 -3.36 12.24 9.55
CA GLU A 336 -3.28 13.28 10.56
C GLU A 336 -1.87 13.91 10.69
N HIS A 337 -0.85 13.22 10.19
CA HIS A 337 0.53 13.72 10.20
C HIS A 337 0.84 14.59 8.97
N GLY A 338 0.05 14.45 7.90
CA GLY A 338 0.23 15.23 6.69
C GLY A 338 0.93 14.46 5.58
N HIS A 339 1.17 13.17 5.79
CA HIS A 339 1.68 12.30 4.74
C HIS A 339 0.51 11.91 3.87
N VAL A 340 0.79 11.61 2.61
CA VAL A 340 -0.27 11.42 1.64
C VAL A 340 -0.34 10.02 1.08
N ARG A 341 -1.52 9.65 0.58
CA ARG A 341 -1.72 8.38 -0.11
C ARG A 341 -2.69 8.59 -1.26
N ILE A 342 -2.50 7.84 -2.33
CA ILE A 342 -3.44 7.82 -3.44
C ILE A 342 -4.66 6.98 -3.04
N SER A 343 -5.87 7.55 -3.17
CA SER A 343 -7.12 6.85 -2.81
C SER A 343 -7.93 6.57 -4.07
N ASP A 344 -9.13 6.02 -3.90
CA ASP A 344 -10.10 5.83 -5.01
C ASP A 344 -9.49 5.15 -6.25
N LEU A 345 -9.45 3.82 -6.24
CA LEU A 345 -8.98 3.03 -7.39
C LEU A 345 -10.11 2.52 -8.28
N GLY A 346 -11.31 3.10 -8.14
CA GLY A 346 -12.47 2.72 -8.95
C GLY A 346 -12.24 2.84 -10.45
N LEU A 347 -11.48 3.86 -10.85
CA LEU A 347 -11.21 4.13 -12.28
C LEU A 347 -9.91 3.49 -12.79
N ALA A 348 -9.12 2.88 -11.90
CA ALA A 348 -7.85 2.27 -12.29
C ALA A 348 -8.08 1.03 -13.16
N CYS A 349 -7.08 0.69 -13.96
CA CYS A 349 -7.17 -0.41 -14.91
C CYS A 349 -5.89 -1.27 -14.89
N ASP A 350 -6.09 -2.59 -14.83
CA ASP A 350 -4.98 -3.55 -14.97
C ASP A 350 -4.61 -3.63 -16.44
N PHE A 351 -3.32 -3.47 -16.75
CA PHE A 351 -2.84 -3.54 -18.15
C PHE A 351 -1.81 -4.66 -18.40
N SER A 352 -1.85 -5.71 -17.58
CA SER A 352 -0.94 -6.85 -17.74
C SER A 352 -1.25 -7.68 -19.00
N LYS A 353 -2.53 -7.94 -19.26
CA LYS A 353 -2.94 -8.68 -20.47
C LYS A 353 -3.11 -7.74 -21.68
N LYS A 354 -4.08 -6.82 -21.60
CA LYS A 354 -4.42 -5.92 -22.72
C LYS A 354 -4.45 -4.45 -22.28
N LYS A 355 -3.86 -3.59 -23.11
CA LYS A 355 -3.84 -2.14 -22.85
C LYS A 355 -5.25 -1.52 -23.07
N PRO A 356 -5.69 -0.62 -22.16
CA PRO A 356 -6.96 0.07 -22.37
C PRO A 356 -6.90 1.16 -23.45
N HIS A 357 -8.04 1.44 -24.07
CA HIS A 357 -8.17 2.50 -25.09
C HIS A 357 -9.06 3.66 -24.65
N ALA A 358 -10.02 3.39 -23.76
CA ALA A 358 -11.06 4.35 -23.39
C ALA A 358 -10.51 5.60 -22.72
N SER A 359 -11.13 6.74 -23.02
CA SER A 359 -10.82 7.98 -22.35
C SER A 359 -11.48 8.00 -20.97
N VAL A 360 -10.68 7.69 -19.95
CA VAL A 360 -11.14 7.65 -18.56
C VAL A 360 -10.24 8.54 -17.69
N GLY A 361 -10.86 9.34 -16.84
CA GLY A 361 -10.16 10.29 -15.97
C GLY A 361 -10.99 11.54 -15.70
N THR A 362 -10.31 12.60 -15.28
CA THR A 362 -10.91 13.93 -15.14
C THR A 362 -10.24 14.88 -16.14
N HIS A 363 -11.05 15.69 -16.82
CA HIS A 363 -10.67 16.23 -18.14
C HIS A 363 -9.38 17.04 -18.22
N GLY A 364 -9.10 17.85 -17.19
CA GLY A 364 -7.86 18.61 -17.16
C GLY A 364 -6.63 17.81 -16.76
N TYR A 365 -6.82 16.51 -16.53
CA TYR A 365 -5.79 15.63 -16.01
C TYR A 365 -5.48 14.43 -16.87
N MET A 366 -6.26 14.20 -17.93
CA MET A 366 -6.02 13.06 -18.83
C MET A 366 -4.89 13.39 -19.79
N ALA A 367 -4.11 12.37 -20.13
CA ALA A 367 -3.00 12.53 -21.06
C ALA A 367 -3.49 12.52 -22.50
N PRO A 368 -2.68 13.06 -23.44
CA PRO A 368 -3.02 13.03 -24.86
C PRO A 368 -3.41 11.64 -25.37
N GLU A 369 -2.59 10.63 -25.05
CA GLU A 369 -2.87 9.26 -25.51
C GLU A 369 -4.20 8.69 -24.97
N VAL A 370 -4.63 9.16 -23.80
CA VAL A 370 -5.92 8.74 -23.23
C VAL A 370 -7.09 9.36 -24.01
N LEU A 371 -6.90 10.60 -24.45
CA LEU A 371 -7.94 11.33 -25.21
C LEU A 371 -8.01 10.92 -26.67
N GLN A 372 -6.85 10.74 -27.31
CA GLN A 372 -6.78 10.42 -28.75
C GLN A 372 -7.59 9.17 -29.06
N LYS A 373 -8.42 9.25 -30.09
CA LYS A 373 -9.39 8.20 -30.41
C LYS A 373 -8.70 6.93 -30.90
N GLY A 374 -8.85 5.84 -30.16
CA GLY A 374 -8.39 4.52 -30.58
C GLY A 374 -6.97 4.15 -30.18
N VAL A 375 -6.24 5.09 -29.59
CA VAL A 375 -4.84 4.86 -29.22
C VAL A 375 -4.75 4.13 -27.87
N ALA A 376 -4.03 3.01 -27.85
CA ALA A 376 -3.80 2.25 -26.63
C ALA A 376 -2.82 2.99 -25.73
N TYR A 377 -2.99 2.84 -24.43
CA TYR A 377 -2.10 3.49 -23.45
C TYR A 377 -1.89 2.60 -22.22
N ASP A 378 -0.90 2.99 -21.42
CA ASP A 378 -0.54 2.22 -20.23
C ASP A 378 -0.20 3.18 -19.07
N SER A 379 0.75 2.83 -18.21
CA SER A 379 1.18 3.68 -17.09
C SER A 379 1.62 5.09 -17.54
N SER A 380 2.05 5.23 -18.79
CA SER A 380 2.45 6.54 -19.36
C SER A 380 1.48 7.68 -19.01
N ALA A 381 0.18 7.38 -19.08
CA ALA A 381 -0.88 8.33 -18.74
C ALA A 381 -0.64 9.01 -17.41
N ASP A 382 -0.36 8.21 -16.39
CA ASP A 382 -0.21 8.71 -15.01
C ASP A 382 0.90 9.76 -14.83
N TRP A 383 1.97 9.70 -15.62
CA TRP A 383 3.05 10.67 -15.49
C TRP A 383 2.64 12.05 -16.00
N PHE A 384 1.87 12.06 -17.09
CA PHE A 384 1.27 13.29 -17.57
C PHE A 384 0.32 13.86 -16.54
N SER A 385 -0.56 13.01 -15.99
CA SER A 385 -1.52 13.43 -14.97
C SER A 385 -0.82 14.03 -13.75
N LEU A 386 0.31 13.45 -13.35
CA LEU A 386 1.15 14.00 -12.29
C LEU A 386 1.66 15.40 -12.65
N GLY A 387 2.12 15.57 -13.89
CA GLY A 387 2.52 16.88 -14.40
C GLY A 387 1.45 17.95 -14.22
N CYS A 388 0.24 17.66 -14.72
CA CYS A 388 -0.93 18.53 -14.52
C CYS A 388 -1.17 18.84 -13.04
N MET A 389 -1.07 17.81 -12.22
CA MET A 389 -1.39 17.90 -10.81
C MET A 389 -0.35 18.69 -10.01
N LEU A 390 0.93 18.53 -10.35
CA LEU A 390 1.98 19.31 -9.68
C LEU A 390 1.90 20.81 -10.02
N PHE A 391 1.60 21.11 -11.29
CA PHE A 391 1.29 22.48 -11.73
C PHE A 391 0.12 23.08 -10.93
N LYS A 392 -0.94 22.29 -10.76
CA LYS A 392 -2.12 22.69 -9.98
C LYS A 392 -1.78 23.05 -8.52
N LEU A 393 -0.83 22.34 -7.93
CA LEU A 393 -0.39 22.65 -6.57
C LEU A 393 0.41 23.95 -6.50
N LEU A 394 1.14 24.25 -7.56
CA LEU A 394 1.90 25.50 -7.65
C LEU A 394 1.06 26.71 -8.12
N ARG A 395 0.00 26.49 -8.89
CA ARG A 395 -0.71 27.60 -9.56
C ARG A 395 -2.20 27.77 -9.23
N GLY A 396 -2.82 26.76 -8.62
CA GLY A 396 -4.24 26.84 -8.24
C GLY A 396 -5.20 26.32 -9.30
N HIS A 397 -4.70 26.03 -10.50
CA HIS A 397 -5.52 25.41 -11.55
C HIS A 397 -4.69 24.47 -12.41
N SER A 398 -5.37 23.49 -13.01
CA SER A 398 -4.78 22.63 -14.03
C SER A 398 -4.26 23.49 -15.18
N PRO A 399 -3.15 23.11 -15.80
CA PRO A 399 -2.58 23.90 -16.91
C PRO A 399 -3.55 24.17 -18.06
N PHE A 400 -4.43 23.21 -18.35
CA PHE A 400 -5.33 23.27 -19.51
C PHE A 400 -6.77 23.62 -19.14
N ARG A 401 -6.97 24.25 -17.98
CA ARG A 401 -8.25 24.84 -17.60
C ARG A 401 -7.98 26.27 -17.13
N GLN A 402 -8.18 27.23 -18.04
CA GLN A 402 -7.57 28.56 -17.90
C GLN A 402 -8.33 29.51 -16.98
N HIS A 403 -9.63 29.70 -17.24
CA HIS A 403 -10.44 30.64 -16.47
C HIS A 403 -11.62 29.92 -15.86
N LYS A 404 -11.32 28.87 -15.08
CA LYS A 404 -12.32 28.02 -14.42
C LYS A 404 -13.42 27.57 -15.39
N THR A 405 -13.00 27.07 -16.56
CA THR A 405 -13.93 26.71 -17.63
C THR A 405 -14.68 25.44 -17.28
N LYS A 406 -15.97 25.41 -17.58
CA LYS A 406 -16.73 24.16 -17.60
C LYS A 406 -17.05 23.83 -19.05
N ASP A 407 -16.01 23.82 -19.88
CA ASP A 407 -16.11 23.40 -21.28
C ASP A 407 -15.10 22.28 -21.47
N LYS A 408 -15.57 21.05 -21.38
CA LYS A 408 -14.72 19.88 -21.41
C LYS A 408 -14.03 19.69 -22.77
N HIS A 409 -14.72 20.05 -23.85
CA HIS A 409 -14.16 19.98 -25.20
C HIS A 409 -12.94 20.91 -25.37
N GLU A 410 -13.03 22.11 -24.80
CA GLU A 410 -11.94 23.10 -24.85
C GLU A 410 -10.72 22.66 -24.02
N ILE A 411 -10.97 22.09 -22.85
CA ILE A 411 -9.91 21.56 -21.99
C ILE A 411 -9.12 20.46 -22.70
N ASP A 412 -9.82 19.63 -23.47
CA ASP A 412 -9.20 18.52 -24.21
C ASP A 412 -8.39 19.02 -25.40
N ARG A 413 -8.94 19.98 -26.15
CA ARG A 413 -8.18 20.65 -27.22
C ARG A 413 -6.91 21.33 -26.67
N MET A 414 -7.01 21.95 -25.50
CA MET A 414 -5.86 22.58 -24.84
C MET A 414 -4.81 21.54 -24.46
N THR A 415 -5.25 20.43 -23.89
CA THR A 415 -4.37 19.32 -23.49
C THR A 415 -3.45 18.84 -24.62
N LEU A 416 -3.97 18.80 -25.84
CA LEU A 416 -3.21 18.34 -27.00
C LEU A 416 -2.32 19.43 -27.62
N THR A 417 -2.84 20.68 -27.66
CA THR A 417 -2.23 21.74 -28.46
C THR A 417 -1.59 22.89 -27.68
N MET A 418 -1.99 23.11 -26.43
CA MET A 418 -1.63 24.35 -25.72
C MET A 418 -0.20 24.31 -25.17
N ALA A 419 0.56 25.39 -25.42
CA ALA A 419 1.90 25.56 -24.87
C ALA A 419 1.79 26.09 -23.45
N VAL A 420 2.32 25.34 -22.49
CA VAL A 420 2.18 25.70 -21.08
C VAL A 420 3.20 26.78 -20.72
N GLU A 421 2.72 27.99 -20.45
CA GLU A 421 3.60 29.12 -20.11
C GLU A 421 3.98 29.10 -18.63
N LEU A 422 5.27 28.92 -18.35
CA LEU A 422 5.78 28.81 -16.97
C LEU A 422 6.38 30.15 -16.53
N PRO A 423 5.97 30.65 -15.34
CA PRO A 423 6.50 31.97 -14.92
C PRO A 423 7.98 31.96 -14.56
N ASP A 424 8.57 33.15 -14.52
CA ASP A 424 10.01 33.31 -14.19
C ASP A 424 10.35 32.77 -12.81
N SER A 425 9.40 32.88 -11.87
CA SER A 425 9.59 32.40 -10.50
C SER A 425 9.98 30.92 -10.41
N PHE A 426 9.48 30.10 -11.34
CA PHE A 426 9.83 28.67 -11.42
C PHE A 426 11.33 28.46 -11.65
N SER A 427 11.94 27.57 -10.87
CA SER A 427 13.36 27.25 -11.03
C SER A 427 13.57 26.43 -12.30
N PRO A 428 14.78 26.51 -12.89
CA PRO A 428 15.06 25.69 -14.08
C PRO A 428 14.92 24.19 -13.82
N GLU A 429 15.17 23.77 -12.58
CA GLU A 429 14.99 22.38 -12.18
C GLU A 429 13.52 21.98 -12.26
N LEU A 430 12.63 22.85 -11.79
CA LEU A 430 11.20 22.61 -11.86
C LEU A 430 10.71 22.59 -13.31
N ARG A 431 11.16 23.55 -14.13
CA ARG A 431 10.84 23.57 -15.58
C ARG A 431 11.21 22.27 -16.28
N SER A 432 12.42 21.80 -16.03
CA SER A 432 12.87 20.51 -16.54
C SER A 432 11.86 19.40 -16.24
N LEU A 433 11.45 19.31 -14.96
CA LEU A 433 10.51 18.29 -14.51
C LEU A 433 9.18 18.40 -15.24
N LEU A 434 8.57 19.58 -15.21
CA LEU A 434 7.23 19.77 -15.76
C LEU A 434 7.19 19.59 -17.26
N GLU A 435 8.17 20.17 -17.96
CA GLU A 435 8.30 19.99 -19.40
C GLU A 435 8.57 18.54 -19.76
N GLY A 436 9.23 17.80 -18.88
CA GLY A 436 9.39 16.35 -19.02
C GLY A 436 8.11 15.55 -18.85
N LEU A 437 7.38 15.80 -17.76
CA LEU A 437 6.11 15.11 -17.48
C LEU A 437 5.01 15.46 -18.50
N LEU A 438 4.99 16.70 -18.96
CA LEU A 438 3.92 17.20 -19.84
C LEU A 438 4.22 17.07 -21.34
N GLN A 439 5.31 16.38 -21.69
CA GLN A 439 5.54 15.96 -23.07
C GLN A 439 4.30 15.28 -23.64
N ARG A 440 3.90 15.70 -24.83
CA ARG A 440 2.65 15.22 -25.42
C ARG A 440 2.84 13.90 -26.13
N ASP A 441 4.01 13.71 -26.75
CA ASP A 441 4.41 12.39 -27.26
C ASP A 441 4.90 11.54 -26.10
N VAL A 442 4.38 10.32 -26.02
CA VAL A 442 4.77 9.36 -24.98
C VAL A 442 6.24 8.91 -25.13
N ASN A 443 6.75 8.95 -26.35
CA ASN A 443 8.14 8.56 -26.66
C ASN A 443 9.20 9.45 -26.01
N ARG A 444 8.85 10.67 -25.63
CA ARG A 444 9.80 11.62 -25.04
C ARG A 444 9.48 12.03 -23.59
N ARG A 445 8.47 11.40 -22.99
CA ARG A 445 8.00 11.79 -21.64
C ARG A 445 8.81 11.14 -20.51
N LEU A 446 9.07 11.91 -19.45
CA LEU A 446 9.65 11.37 -18.21
C LEU A 446 8.76 10.27 -17.62
N GLY A 447 9.37 9.13 -17.31
CA GLY A 447 8.67 7.97 -16.80
C GLY A 447 8.37 6.91 -17.84
N CYS A 448 8.51 7.25 -19.13
CA CYS A 448 8.08 6.38 -20.22
C CYS A 448 9.22 5.95 -21.16
N LEU A 449 10.46 6.32 -20.85
CA LEU A 449 11.60 6.03 -21.73
C LEU A 449 12.22 4.66 -21.48
N GLY A 450 11.68 3.90 -20.54
CA GLY A 450 12.11 2.52 -20.33
C GLY A 450 12.14 2.11 -18.87
N ARG A 451 12.56 3.03 -18.00
CA ARG A 451 12.87 2.71 -16.60
C ARG A 451 11.89 3.28 -15.57
N GLY A 452 10.73 3.77 -16.03
CA GLY A 452 9.62 4.08 -15.11
C GLY A 452 9.92 5.21 -14.13
N ALA A 453 9.40 5.06 -12.91
CA ALA A 453 9.53 6.07 -11.87
C ALA A 453 10.98 6.48 -11.56
N GLN A 454 11.92 5.59 -11.84
CA GLN A 454 13.35 5.89 -11.70
C GLN A 454 13.78 7.13 -12.50
N GLU A 455 13.27 7.26 -13.73
CA GLU A 455 13.58 8.41 -14.57
C GLU A 455 13.06 9.72 -13.95
N VAL A 456 11.91 9.64 -13.28
CA VAL A 456 11.30 10.81 -12.62
C VAL A 456 12.05 11.16 -11.33
N LYS A 457 12.45 10.15 -10.56
CA LYS A 457 13.26 10.35 -9.37
C LYS A 457 14.60 11.02 -9.66
N GLU A 458 15.16 10.71 -10.83
CA GLU A 458 16.45 11.23 -11.25
C GLU A 458 16.41 12.66 -11.78
N SER A 459 15.22 13.27 -11.81
CA SER A 459 15.08 14.67 -12.21
C SER A 459 15.86 15.58 -11.28
N PRO A 460 16.45 16.66 -11.82
CA PRO A 460 17.19 17.58 -10.95
C PRO A 460 16.32 18.39 -9.97
N PHE A 461 14.99 18.31 -10.10
CA PHE A 461 14.09 18.89 -9.10
C PHE A 461 14.18 18.13 -7.77
N PHE A 462 14.51 16.83 -7.85
CA PHE A 462 14.75 15.99 -6.67
C PHE A 462 16.24 15.71 -6.38
N ARG A 463 17.12 16.61 -6.85
CA ARG A 463 18.61 16.51 -6.67
C ARG A 463 19.05 16.07 -5.29
N SER A 464 18.48 16.70 -4.28
CA SER A 464 19.00 16.64 -2.92
C SER A 464 18.21 15.71 -2.01
N LEU A 465 17.22 15.01 -2.58
CA LEU A 465 16.41 14.07 -1.81
C LEU A 465 17.12 12.74 -1.72
N ASP A 466 16.98 12.08 -0.56
CA ASP A 466 17.32 10.67 -0.42
C ASP A 466 16.00 9.90 -0.50
N TRP A 467 15.85 9.15 -1.59
CA TRP A 467 14.60 8.45 -1.88
C TRP A 467 14.27 7.32 -0.89
N GLN A 468 15.29 6.80 -0.21
CA GLN A 468 15.11 5.88 0.92
C GLN A 468 14.34 6.58 2.06
N MET A 469 14.72 7.82 2.35
CA MET A 469 14.09 8.61 3.42
C MET A 469 12.68 9.05 3.02
N VAL A 470 12.46 9.27 1.72
CA VAL A 470 11.12 9.58 1.23
C VAL A 470 10.21 8.40 1.51
N PHE A 471 10.63 7.23 1.03
CA PHE A 471 9.93 5.96 1.27
C PHE A 471 9.63 5.70 2.76
N LEU A 472 10.61 5.97 3.62
CA LEU A 472 10.45 5.76 5.06
C LEU A 472 9.71 6.89 5.77
N GLN A 473 9.39 7.96 5.05
CA GLN A 473 8.57 9.06 5.57
C GLN A 473 9.28 9.87 6.66
N LYS A 474 10.58 10.08 6.43
CA LYS A 474 11.45 10.80 7.37
C LYS A 474 11.51 12.30 7.08
N TYR A 475 10.90 12.74 5.97
CA TYR A 475 10.84 14.16 5.62
C TYR A 475 9.60 14.80 6.25
N PRO A 476 9.74 16.05 6.75
CA PRO A 476 8.64 16.70 7.47
C PRO A 476 7.54 17.18 6.51
N PRO A 477 6.27 16.81 6.77
CA PRO A 477 5.17 17.32 5.92
C PRO A 477 4.99 18.83 6.06
N PRO A 478 4.65 19.51 4.95
CA PRO A 478 4.50 20.97 5.00
C PRO A 478 3.19 21.45 5.69
N LEU A 479 2.16 20.61 5.68
CA LEU A 479 0.87 20.98 6.25
C LEU A 479 0.38 19.89 7.18
N ILE A 480 0.22 20.24 8.44
CA ILE A 480 -0.35 19.35 9.44
C ILE A 480 -1.84 19.72 9.57
N PRO A 481 -2.75 18.79 9.21
CA PRO A 481 -4.19 19.09 9.31
C PRO A 481 -4.62 19.41 10.73
N PRO A 482 -5.60 20.32 10.90
CA PRO A 482 -6.04 20.61 12.27
C PRO A 482 -6.80 19.43 12.86
N ARG A 483 -6.57 19.14 14.14
CA ARG A 483 -7.33 18.11 14.85
C ARG A 483 -8.83 18.46 14.83
N GLY A 484 -9.67 17.49 14.45
CA GLY A 484 -11.13 17.65 14.54
C GLY A 484 -11.73 18.70 13.62
N LEU A 508 -32.67 -7.86 -5.28
CA LEU A 508 -33.19 -9.18 -5.81
C LEU A 508 -32.23 -10.34 -5.49
N ASP A 509 -32.65 -11.56 -5.83
CA ASP A 509 -31.90 -12.78 -5.49
C ASP A 509 -30.66 -12.96 -6.38
N SER A 510 -30.84 -12.80 -7.70
CA SER A 510 -29.74 -12.95 -8.66
C SER A 510 -28.63 -11.87 -8.49
N ASP A 511 -29.02 -10.70 -7.97
CA ASP A 511 -28.09 -9.59 -7.76
C ASP A 511 -27.08 -9.84 -6.64
N GLN A 512 -27.51 -10.54 -5.59
CA GLN A 512 -26.61 -10.93 -4.49
C GLN A 512 -25.55 -11.96 -4.93
N GLU A 513 -25.86 -12.73 -5.97
CA GLU A 513 -24.90 -13.68 -6.57
C GLU A 513 -23.75 -12.98 -7.30
N LEU A 514 -23.96 -11.74 -7.74
CA LEU A 514 -22.86 -10.93 -8.30
C LEU A 514 -21.78 -10.66 -7.25
N TYR A 515 -22.20 -10.55 -5.98
CA TYR A 515 -21.30 -10.20 -4.87
C TYR A 515 -20.80 -11.41 -4.06
N ARG A 516 -20.92 -12.62 -4.62
CA ARG A 516 -20.09 -13.74 -4.17
C ARG A 516 -18.69 -13.49 -4.71
N ASN A 517 -17.68 -14.01 -4.00
CA ASN A 517 -16.26 -13.68 -4.25
C ASN A 517 -15.86 -12.25 -3.84
N PHE A 518 -16.81 -11.43 -3.40
CA PHE A 518 -16.48 -10.11 -2.87
C PHE A 518 -15.71 -10.21 -1.54
N PRO A 519 -16.11 -11.15 -0.65
CA PRO A 519 -15.34 -11.31 0.59
C PRO A 519 -13.87 -11.65 0.35
N LEU A 520 -12.98 -10.94 1.03
CA LEU A 520 -11.56 -11.23 0.97
C LEU A 520 -10.87 -10.71 2.20
N THR A 521 -9.91 -11.49 2.68
CA THR A 521 -8.98 -11.05 3.70
C THR A 521 -7.58 -11.18 3.09
N ILE A 522 -6.87 -10.07 2.97
CA ILE A 522 -5.52 -10.12 2.48
C ILE A 522 -4.59 -10.53 3.64
N SER A 523 -4.08 -11.76 3.55
CA SER A 523 -3.27 -12.40 4.61
C SER A 523 -2.20 -11.47 5.20
N GLU A 524 -1.41 -10.88 4.33
CA GLU A 524 -0.29 -10.01 4.72
C GLU A 524 -0.77 -8.84 5.62
N ARG A 525 -1.93 -8.31 5.31
CA ARG A 525 -2.47 -7.14 6.02
C ARG A 525 -2.95 -7.52 7.42
N TRP A 526 -3.73 -8.59 7.51
CA TRP A 526 -4.21 -9.11 8.80
C TRP A 526 -3.05 -9.47 9.71
N GLN A 527 -2.02 -10.11 9.15
CA GLN A 527 -0.86 -10.51 9.95
C GLN A 527 -0.13 -9.28 10.45
N GLN A 528 0.02 -8.28 9.58
CA GLN A 528 0.63 -7.02 9.97
C GLN A 528 -0.18 -6.35 11.08
N GLU A 529 -1.49 -6.34 10.91
CA GLU A 529 -2.41 -5.83 11.95
C GLU A 529 -2.23 -6.53 13.30
N VAL A 530 -2.21 -7.85 13.27
CA VAL A 530 -2.04 -8.64 14.49
C VAL A 530 -0.67 -8.41 15.13
N ALA A 531 0.38 -8.34 14.30
CA ALA A 531 1.75 -8.12 14.78
C ALA A 531 1.88 -6.81 15.54
N GLU A 532 1.21 -5.77 15.06
CA GLU A 532 1.38 -4.43 15.60
C GLU A 532 0.40 -4.09 16.73
N THR A 533 -0.56 -4.97 17.01
CA THR A 533 -1.57 -4.71 18.05
C THR A 533 -1.50 -5.69 19.20
N VAL A 534 -1.83 -6.95 18.93
CA VAL A 534 -2.13 -7.92 20.00
C VAL A 534 -1.31 -9.23 19.98
N PHE A 535 -0.41 -9.38 19.02
CA PHE A 535 0.30 -10.65 18.84
C PHE A 535 1.05 -11.07 20.10
N ASP A 536 1.89 -10.17 20.62
CA ASP A 536 2.74 -10.45 21.79
C ASP A 536 1.92 -10.76 23.04
N THR A 537 0.91 -9.93 23.31
CA THR A 537 0.06 -10.09 24.48
C THR A 537 -0.83 -11.36 24.45
N ILE A 538 -1.27 -11.78 23.26
CA ILE A 538 -2.05 -13.02 23.13
C ILE A 538 -1.15 -14.26 23.30
N ASN A 539 0.06 -14.20 22.74
CA ASN A 539 1.05 -15.28 22.91
C ASN A 539 1.42 -15.51 24.37
N ALA A 540 1.58 -14.43 25.14
CA ALA A 540 1.91 -14.52 26.57
C ALA A 540 0.75 -15.12 27.36
N GLU A 541 -0.46 -14.63 27.10
CA GLU A 541 -1.68 -15.16 27.74
C GLU A 541 -1.91 -16.62 27.41
N THR A 542 -1.72 -16.98 26.14
CA THR A 542 -1.89 -18.37 25.70
C THR A 542 -0.83 -19.26 26.35
N ASP A 543 0.43 -18.82 26.31
CA ASP A 543 1.55 -19.53 26.95
C ASP A 543 1.25 -19.92 28.40
N ARG A 544 0.56 -19.05 29.13
CA ARG A 544 0.14 -19.33 30.51
C ARG A 544 -0.87 -20.48 30.58
N LEU A 545 -1.85 -20.45 29.67
CA LEU A 545 -2.79 -21.56 29.51
C LEU A 545 -2.08 -22.72 28.83
N3 8PV B . -17.30 6.71 -6.34
C4 8PV B . -17.66 6.29 -7.71
C5 8PV B . -17.60 7.47 -8.66
C6 8PV B . -18.76 7.91 -9.32
C7 8PV B . -18.70 8.99 -10.19
C8 8PV B . -17.49 9.63 -10.44
C10 8PV B . -16.38 8.11 -8.91
C13 8PV B . -17.48 6.68 -1.43
C15 8PV B . -15.76 7.99 -2.53
C17 8PV B . -14.18 9.58 -1.31
C20 8PV B . -11.94 7.83 0.94
C24 8PV B . -11.24 7.60 2.22
C26 8PV B . -10.76 8.21 4.50
C28 8PV B . -9.66 6.37 3.56
O1 8PV B . -18.38 5.05 -5.27
C2 8PV B . -17.68 6.05 -5.20
C9 8PV B . -16.33 9.20 -9.80
C11 8PV B . -17.24 6.57 -3.86
C12 8PV B . -17.90 6.18 -2.67
C14 8PV B . -16.43 7.58 -1.35
N16 8PV B . -14.68 8.89 -2.52
C18 8PV B . -13.19 8.70 -0.59
N19 8PV B . -12.82 8.80 0.65
N21 8PV B . -11.76 7.10 -0.14
N22 8PV B . -12.56 7.64 -1.13
C25 8PV B . -11.46 8.45 3.32
N27 8PV B . -9.91 7.19 4.58
C29 8PV B . -10.31 6.55 2.35
C30 8PV B . -16.17 7.47 -3.77
S SO4 C . -8.70 22.37 -12.17
O1 SO4 C . -8.05 23.56 -12.74
O2 SO4 C . -9.81 22.80 -11.29
O3 SO4 C . -7.71 21.59 -11.40
O4 SO4 C . -9.21 21.50 -13.25
S SO4 D . -11.17 -0.59 -23.62
O1 SO4 D . -10.76 0.37 -22.56
O2 SO4 D . -11.98 0.10 -24.65
O3 SO4 D . -11.97 -1.70 -23.04
O4 SO4 D . -9.96 -1.16 -24.26
#